data_4DE2
#
_entry.id   4DE2
#
_cell.length_a   45.125
_cell.length_b   106.922
_cell.length_c   47.481
_cell.angle_alpha   90.000
_cell.angle_beta   101.470
_cell.angle_gamma   90.000
#
_symmetry.space_group_name_H-M   'P 1 21 1'
#
loop_
_entity.id
_entity.type
_entity.pdbx_description
1 polymer Beta-lactamase
2 non-polymer 3-[(dimethylamino)methyl]-N-[3-(1H-tetrazol-5-yl)phenyl]benzamide
3 non-polymer 'DIMETHYL SULFOXIDE'
4 water water
#
_entity_poly.entity_id   1
_entity_poly.type   'polypeptide(L)'
_entity_poly.pdbx_seq_one_letter_code
;(PCA)TSAVQQKLAALEKSSGGRLGVALIDTADNTQVLYRGDERFPMCSTSKVMAAAAVLKQSETQKQLLNQPVEIKPAD
LVNYNPIAEKHVNGTMTLAELSAAALQYSDNTAMNKLIAQLGGPGGVTAFARAIGDETFRLDRTEPTLNTAIPGDPRDTT
TPRAMAQTLRQLTLGHALGETQRAQLVTWLKGNTTGAASIRAGLPTSWTAGDKTGSGDYGTTNDIAVIWPQGRAPLVLVT
YFTQPQQNAESRRDVLASAARIIAEGL
;
_entity_poly.pdbx_strand_id   A,B
#
# COMPACT_ATOMS: atom_id res chain seq x y z
N ALA A 4 -3.08 2.03 4.35
CA ALA A 4 -4.03 3.12 4.70
C ALA A 4 -4.71 3.68 3.45
N VAL A 5 -3.90 4.25 2.57
CA VAL A 5 -4.39 4.92 1.38
C VAL A 5 -5.19 4.00 0.45
N GLN A 6 -4.71 2.77 0.26
CA GLN A 6 -5.45 1.77 -0.51
C GLN A 6 -6.85 1.54 0.06
N GLN A 7 -6.92 1.32 1.37
CA GLN A 7 -8.20 1.12 2.05
C GLN A 7 -9.11 2.31 1.85
N LYS A 8 -8.56 3.50 2.03
CA LYS A 8 -9.35 4.73 1.91
C LYS A 8 -9.91 4.87 0.51
N LEU A 9 -9.07 4.66 -0.50
CA LEU A 9 -9.54 4.72 -1.88
C LEU A 9 -10.61 3.67 -2.16
N ALA A 10 -10.47 2.48 -1.59
CA ALA A 10 -11.51 1.45 -1.71
C ALA A 10 -12.85 1.89 -1.11
N ALA A 11 -12.79 2.52 0.06
CA ALA A 11 -13.99 2.97 0.75
C ALA A 11 -14.63 4.11 -0.04
N LEU A 12 -13.80 4.99 -0.59
CA LEU A 12 -14.32 6.04 -1.47
C LEU A 12 -15.06 5.40 -2.63
N GLU A 13 -14.42 4.45 -3.30
CA GLU A 13 -14.99 3.82 -4.47
C GLU A 13 -16.31 3.13 -4.10
N LYS A 14 -16.34 2.45 -2.97
N LYS A 14 -16.28 2.38 -3.00
CA LYS A 14 -17.56 1.75 -2.58
CA LYS A 14 -17.42 1.57 -2.58
C LYS A 14 -18.74 2.71 -2.47
C LYS A 14 -18.70 2.37 -2.30
N SER A 15 -18.52 3.87 -1.87
N SER A 15 -18.55 3.66 -2.02
CA SER A 15 -19.57 4.86 -1.69
CA SER A 15 -19.71 4.53 -1.82
C SER A 15 -19.93 5.57 -2.98
C SER A 15 -19.82 5.62 -2.90
N SER A 16 -19.08 5.43 -4.00
CA SER A 16 -19.15 6.33 -5.15
C SER A 16 -20.17 5.95 -6.21
N GLY A 17 -20.56 4.68 -6.22
CA GLY A 17 -21.41 4.14 -7.28
C GLY A 17 -20.68 3.89 -8.60
N GLY A 18 -19.35 3.82 -8.58
CA GLY A 18 -18.64 3.58 -9.82
C GLY A 18 -17.28 2.94 -9.64
N ARG A 19 -16.46 3.06 -10.68
CA ARG A 19 -15.15 2.41 -10.70
C ARG A 19 -14.10 3.51 -10.77
N LEU A 20 -13.18 3.48 -9.82
CA LEU A 20 -12.16 4.54 -9.64
C LEU A 20 -10.76 4.02 -9.98
N GLY A 21 -9.99 4.84 -10.70
CA GLY A 21 -8.62 4.48 -11.03
C GLY A 21 -7.68 5.62 -10.69
N VAL A 22 -6.65 5.31 -9.91
CA VAL A 22 -5.72 6.33 -9.45
C VAL A 22 -4.27 5.93 -9.71
N ALA A 23 -3.47 6.89 -10.16
CA ALA A 23 -2.02 6.68 -10.20
C ALA A 23 -1.32 7.94 -9.77
N LEU A 24 -0.51 7.82 -8.73
CA LEU A 24 0.36 8.90 -8.27
C LEU A 24 1.80 8.52 -8.53
N ILE A 25 2.58 9.45 -9.08
CA ILE A 25 4.04 9.35 -9.05
C ILE A 25 4.57 10.51 -8.23
N ASP A 26 5.29 10.20 -7.15
CA ASP A 26 5.92 11.21 -6.32
C ASP A 26 7.36 11.34 -6.79
N THR A 27 7.68 12.43 -7.46
CA THR A 27 9.03 12.57 -8.01
C THR A 27 10.13 12.79 -6.96
N ALA A 28 9.76 12.92 -5.69
CA ALA A 28 10.75 13.01 -4.62
C ALA A 28 11.57 11.72 -4.54
N ASP A 29 10.91 10.59 -4.81
CA ASP A 29 11.54 9.28 -4.67
C ASP A 29 11.17 8.31 -5.78
N ASN A 30 10.35 8.78 -6.72
CA ASN A 30 9.88 7.97 -7.84
C ASN A 30 8.99 6.81 -7.43
N THR A 31 8.41 6.91 -6.24
CA THR A 31 7.45 5.90 -5.80
C THR A 31 6.07 6.15 -6.38
N GLN A 32 5.24 5.12 -6.34
CA GLN A 32 3.92 5.18 -6.95
C GLN A 32 2.88 4.72 -5.95
N VAL A 33 1.67 5.27 -6.06
CA VAL A 33 0.50 4.72 -5.39
C VAL A 33 -0.51 4.47 -6.49
N LEU A 34 -0.94 3.19 -6.65
CA LEU A 34 -1.88 2.80 -7.68
C LEU A 34 -3.14 2.25 -7.07
N TYR A 35 -4.26 2.57 -7.69
CA TYR A 35 -5.52 1.92 -7.38
C TYR A 35 -6.16 1.61 -8.73
N ARG A 36 -6.36 0.32 -9.02
CA ARG A 36 -6.78 -0.10 -10.37
C ARG A 36 -5.87 0.54 -11.39
N GLY A 37 -4.59 0.57 -11.06
CA GLY A 37 -3.61 1.27 -11.89
C GLY A 37 -3.39 0.65 -13.26
N ASP A 38 -3.69 -0.63 -13.40
CA ASP A 38 -3.50 -1.34 -14.66
C ASP A 38 -4.83 -1.71 -15.34
N GLU A 39 -5.94 -1.16 -14.86
CA GLU A 39 -7.22 -1.33 -15.54
C GLU A 39 -7.44 -0.22 -16.56
N ARG A 40 -8.10 -0.54 -17.67
CA ARG A 40 -8.35 0.47 -18.69
C ARG A 40 -9.58 1.32 -18.34
N PHE A 41 -9.47 2.61 -18.66
CA PHE A 41 -10.57 3.56 -18.49
C PHE A 41 -10.65 4.40 -19.78
N PRO A 42 -11.85 4.90 -20.12
CA PRO A 42 -11.96 5.84 -21.23
C PRO A 42 -11.29 7.15 -20.85
N MET A 43 -10.39 7.63 -21.69
CA MET A 43 -9.65 8.86 -21.40
C MET A 43 -10.51 10.11 -21.48
N CYS A 44 -11.45 10.10 -22.43
CA CYS A 44 -12.17 11.31 -22.81
C CYS A 44 -11.17 12.45 -23.03
N SER A 45 -11.47 13.67 -22.58
CA SER A 45 -10.66 14.82 -22.95
C SER A 45 -9.24 14.85 -22.37
N THR A 46 -8.93 13.94 -21.44
CA THR A 46 -7.55 13.87 -20.97
C THR A 46 -6.60 13.49 -22.12
N SER A 47 -7.16 12.89 -23.19
CA SER A 47 -6.38 12.57 -24.39
C SER A 47 -5.90 13.82 -25.11
N LYS A 48 -6.53 14.96 -24.84
CA LYS A 48 -6.10 16.22 -25.47
C LYS A 48 -4.65 16.56 -25.13
N VAL A 49 -4.18 16.14 -23.97
CA VAL A 49 -2.78 16.34 -23.60
C VAL A 49 -1.82 15.64 -24.58
N MET A 50 -2.11 14.39 -24.94
CA MET A 50 -1.28 13.65 -25.87
C MET A 50 -1.26 14.32 -27.26
N ALA A 51 -2.43 14.80 -27.70
CA ALA A 51 -2.54 15.43 -29.00
C ALA A 51 -1.72 16.73 -29.05
N ALA A 52 -1.88 17.58 -28.04
CA ALA A 52 -1.11 18.83 -27.96
C ALA A 52 0.38 18.54 -27.89
N ALA A 53 0.77 17.56 -27.09
CA ALA A 53 2.19 17.18 -26.97
C ALA A 53 2.78 16.71 -28.29
N ALA A 54 1.99 15.97 -29.06
CA ALA A 54 2.44 15.45 -30.35
C ALA A 54 2.72 16.58 -31.33
N VAL A 55 1.88 17.60 -31.31
CA VAL A 55 2.08 18.79 -32.12
C VAL A 55 3.29 19.58 -31.63
N LEU A 56 3.45 19.72 -30.32
CA LEU A 56 4.68 20.30 -29.78
C LEU A 56 5.93 19.55 -30.27
N LYS A 57 5.87 18.22 -30.28
CA LYS A 57 7.04 17.44 -30.75
C LYS A 57 7.32 17.75 -32.23
N GLN A 58 6.28 17.87 -33.04
CA GLN A 58 6.43 18.24 -34.44
C GLN A 58 7.12 19.59 -34.56
N SER A 59 6.76 20.50 -33.66
CA SER A 59 7.27 21.86 -33.73
C SER A 59 8.75 21.96 -33.42
N GLU A 60 9.33 20.89 -32.86
CA GLU A 60 10.76 20.87 -32.61
C GLU A 60 11.54 20.85 -33.91
N THR A 61 10.94 20.30 -34.97
CA THR A 61 11.64 20.24 -36.26
C THR A 61 11.02 21.15 -37.32
N GLN A 62 9.97 21.85 -36.92
CA GLN A 62 9.35 22.92 -37.72
C GLN A 62 9.08 24.10 -36.80
N LYS A 63 10.08 24.97 -36.65
CA LYS A 63 10.03 26.04 -35.66
C LYS A 63 8.87 27.02 -35.82
N GLN A 64 8.33 27.13 -37.03
CA GLN A 64 7.16 27.99 -37.25
C GLN A 64 5.82 27.27 -37.20
N LEU A 65 5.83 25.98 -36.84
CA LEU A 65 4.61 25.18 -36.92
C LEU A 65 3.46 25.76 -36.08
N LEU A 66 3.77 26.23 -34.87
CA LEU A 66 2.67 26.67 -34.01
C LEU A 66 2.01 27.93 -34.56
N ASN A 67 2.67 28.60 -35.52
CA ASN A 67 2.07 29.76 -36.18
C ASN A 67 1.33 29.42 -37.48
N GLN A 68 1.34 28.15 -37.86
CA GLN A 68 0.65 27.67 -39.07
C GLN A 68 -0.87 27.81 -38.91
N PRO A 69 -1.53 28.45 -39.88
CA PRO A 69 -2.98 28.63 -39.79
C PRO A 69 -3.74 27.38 -40.21
N VAL A 70 -4.89 27.16 -39.59
CA VAL A 70 -5.75 26.06 -39.94
C VAL A 70 -7.13 26.65 -40.15
N GLU A 71 -7.74 26.35 -41.29
CA GLU A 71 -9.08 26.85 -41.61
C GLU A 71 -10.13 26.24 -40.71
N ILE A 72 -10.99 27.10 -40.18
CA ILE A 72 -12.14 26.64 -39.40
C ILE A 72 -13.40 26.92 -40.22
N LYS A 73 -14.03 25.86 -40.72
N LYS A 73 -14.04 25.86 -40.70
CA LYS A 73 -15.26 26.01 -41.49
CA LYS A 73 -15.26 25.99 -41.50
C LYS A 73 -16.49 25.71 -40.64
C LYS A 73 -16.49 25.67 -40.66
N PRO A 74 -17.66 26.23 -41.04
CA PRO A 74 -18.88 25.95 -40.26
C PRO A 74 -19.07 24.45 -40.08
N ALA A 75 -18.76 23.67 -41.11
CA ALA A 75 -18.97 22.22 -41.02
C ALA A 75 -18.00 21.52 -40.07
N ASP A 76 -16.93 22.21 -39.67
N ASP A 76 -16.91 22.19 -39.70
CA ASP A 76 -15.94 21.64 -38.77
CA ASP A 76 -15.94 21.64 -38.75
C ASP A 76 -16.36 21.70 -37.30
C ASP A 76 -16.48 21.58 -37.33
N LEU A 77 -17.36 22.53 -36.99
CA LEU A 77 -17.81 22.69 -35.61
C LEU A 77 -18.51 21.42 -35.17
N VAL A 78 -18.18 20.97 -33.97
CA VAL A 78 -18.84 19.82 -33.37
C VAL A 78 -19.74 20.23 -32.20
N ASN A 79 -19.61 19.57 -31.05
CA ASN A 79 -20.60 19.73 -29.97
C ASN A 79 -20.20 20.65 -28.81
N TYR A 80 -18.95 21.10 -28.81
CA TYR A 80 -18.45 21.97 -27.74
C TYR A 80 -17.26 22.73 -28.29
N ASN A 81 -17.51 23.98 -28.67
CA ASN A 81 -16.57 24.76 -29.47
C ASN A 81 -16.48 26.19 -28.97
N PRO A 82 -16.26 26.38 -27.66
CA PRO A 82 -16.26 27.73 -27.09
C PRO A 82 -15.28 28.71 -27.74
N ILE A 83 -14.16 28.21 -28.26
CA ILE A 83 -13.19 29.08 -28.92
C ILE A 83 -13.34 29.01 -30.44
N ALA A 84 -13.40 27.81 -30.99
CA ALA A 84 -13.48 27.66 -32.44
C ALA A 84 -14.67 28.37 -33.07
N GLU A 85 -15.82 28.40 -32.39
CA GLU A 85 -16.98 29.06 -32.99
C GLU A 85 -16.74 30.53 -33.29
N LYS A 86 -15.80 31.14 -32.57
CA LYS A 86 -15.48 32.56 -32.78
C LYS A 86 -14.70 32.78 -34.06
N HIS A 87 -14.13 31.71 -34.59
CA HIS A 87 -13.18 31.81 -35.68
C HIS A 87 -13.62 31.10 -36.94
N VAL A 88 -14.91 30.74 -36.99
N VAL A 88 -14.89 30.71 -36.97
CA VAL A 88 -15.45 30.06 -38.15
CA VAL A 88 -15.46 30.09 -38.16
C VAL A 88 -15.43 30.97 -39.38
C VAL A 88 -15.28 31.01 -39.36
N ASN A 89 -15.08 30.40 -40.53
CA ASN A 89 -14.85 31.15 -41.76
C ASN A 89 -13.56 31.96 -41.69
N GLY A 90 -12.72 31.63 -40.72
CA GLY A 90 -11.40 32.22 -40.59
C GLY A 90 -10.38 31.13 -40.30
N THR A 91 -9.30 31.50 -39.62
CA THR A 91 -8.24 30.54 -39.28
C THR A 91 -7.86 30.63 -37.80
N MET A 92 -7.31 29.55 -37.27
CA MET A 92 -6.62 29.57 -35.99
C MET A 92 -5.28 28.89 -36.20
N THR A 93 -4.24 29.39 -35.52
CA THR A 93 -2.95 28.71 -35.58
C THR A 93 -2.93 27.45 -34.73
N LEU A 94 -1.93 26.62 -34.95
CA LEU A 94 -1.83 25.40 -34.16
C LEU A 94 -1.57 25.72 -32.68
N ALA A 95 -0.87 26.83 -32.40
CA ALA A 95 -0.79 27.29 -31.00
C ALA A 95 -2.19 27.58 -30.43
N GLU A 96 -2.98 28.35 -31.17
CA GLU A 96 -4.33 28.72 -30.71
C GLU A 96 -5.17 27.47 -30.50
N LEU A 97 -5.05 26.51 -31.39
CA LEU A 97 -5.81 25.27 -31.30
C LEU A 97 -5.38 24.43 -30.10
N SER A 98 -4.07 24.37 -29.85
CA SER A 98 -3.58 23.64 -28.68
C SER A 98 -4.07 24.29 -27.41
N ALA A 99 -3.98 25.61 -27.33
CA ALA A 99 -4.43 26.33 -26.13
C ALA A 99 -5.92 26.15 -25.92
N ALA A 100 -6.69 26.21 -27.00
CA ALA A 100 -8.15 26.02 -26.87
C ALA A 100 -8.50 24.61 -26.42
N ALA A 101 -7.82 23.62 -26.99
CA ALA A 101 -8.08 22.23 -26.64
C ALA A 101 -7.71 21.96 -25.18
N LEU A 102 -6.57 22.50 -24.74
CA LEU A 102 -6.10 22.21 -23.40
C LEU A 102 -6.82 23.01 -22.33
N GLN A 103 -6.94 24.32 -22.56
CA GLN A 103 -7.42 25.22 -21.51
C GLN A 103 -8.92 25.40 -21.47
N TYR A 104 -9.59 25.19 -22.60
CA TYR A 104 -11.05 25.33 -22.65
C TYR A 104 -11.71 24.01 -23.01
N SER A 105 -10.91 23.01 -23.36
CA SER A 105 -11.42 21.69 -23.71
C SER A 105 -12.30 21.73 -24.97
N ASP A 106 -11.91 22.58 -25.92
CA ASP A 106 -12.63 22.75 -27.18
C ASP A 106 -12.48 21.51 -28.09
N ASN A 107 -13.61 20.89 -28.45
CA ASN A 107 -13.61 19.66 -29.24
C ASN A 107 -13.25 19.87 -30.71
N THR A 108 -13.67 21.00 -31.30
CA THR A 108 -13.25 21.30 -32.65
C THR A 108 -11.71 21.49 -32.69
N ALA A 109 -11.18 22.19 -31.70
CA ALA A 109 -9.71 22.40 -31.63
C ALA A 109 -8.99 21.05 -31.55
N MET A 110 -9.48 20.16 -30.70
CA MET A 110 -8.92 18.81 -30.64
C MET A 110 -8.97 18.11 -32.00
N ASN A 111 -10.09 18.19 -32.70
CA ASN A 111 -10.15 17.56 -34.02
C ASN A 111 -9.10 18.10 -34.98
N LYS A 112 -8.81 19.39 -34.91
CA LYS A 112 -7.77 19.94 -35.78
C LYS A 112 -6.39 19.40 -35.38
N LEU A 113 -6.16 19.21 -34.09
CA LEU A 113 -4.90 18.62 -33.64
C LEU A 113 -4.77 17.19 -34.17
N ILE A 114 -5.83 16.41 -34.04
CA ILE A 114 -5.82 15.05 -34.51
C ILE A 114 -5.51 15.00 -36.02
N ALA A 115 -6.15 15.89 -36.79
CA ALA A 115 -5.93 15.92 -38.24
C ALA A 115 -4.48 16.26 -38.57
N GLN A 116 -3.91 17.23 -37.84
CA GLN A 116 -2.52 17.60 -38.01
C GLN A 116 -1.56 16.42 -37.77
N LEU A 117 -2.01 15.47 -36.95
CA LEU A 117 -1.21 14.30 -36.58
C LEU A 117 -1.50 13.10 -37.49
N GLY A 118 -2.44 13.26 -38.41
CA GLY A 118 -2.76 12.19 -39.37
C GLY A 118 -3.92 11.29 -38.98
N GLY A 119 -4.71 11.70 -37.99
CA GLY A 119 -5.78 10.85 -37.50
C GLY A 119 -5.50 10.29 -36.12
N PRO A 120 -6.50 9.66 -35.50
CA PRO A 120 -6.33 9.13 -34.14
C PRO A 120 -5.10 8.21 -34.02
N GLY A 121 -4.83 7.41 -35.04
CA GLY A 121 -3.68 6.50 -35.02
C GLY A 121 -2.35 7.23 -35.03
N GLY A 122 -2.31 8.43 -35.59
CA GLY A 122 -1.13 9.27 -35.53
C GLY A 122 -0.79 9.71 -34.12
N VAL A 123 -1.81 9.99 -33.33
CA VAL A 123 -1.62 10.35 -31.94
C VAL A 123 -1.09 9.12 -31.20
N THR A 124 -1.66 7.95 -31.48
CA THR A 124 -1.19 6.71 -30.89
C THR A 124 0.27 6.45 -31.25
N ALA A 125 0.63 6.68 -32.50
CA ALA A 125 2.00 6.50 -32.96
C ALA A 125 2.99 7.38 -32.17
N PHE A 126 2.62 8.62 -31.91
CA PHE A 126 3.42 9.49 -31.06
C PHE A 126 3.55 8.92 -29.66
N ALA A 127 2.43 8.47 -29.08
CA ALA A 127 2.49 7.87 -27.74
C ALA A 127 3.53 6.74 -27.72
N ARG A 128 3.49 5.86 -28.71
CA ARG A 128 4.42 4.73 -28.73
C ARG A 128 5.86 5.24 -28.83
N ALA A 129 6.09 6.29 -29.62
CA ALA A 129 7.41 6.86 -29.82
C ALA A 129 8.01 7.44 -28.53
N ILE A 130 7.16 7.84 -27.58
CA ILE A 130 7.66 8.32 -26.31
C ILE A 130 7.51 7.29 -25.18
N GLY A 131 7.30 6.04 -25.57
CA GLY A 131 7.36 4.92 -24.64
C GLY A 131 6.06 4.50 -23.98
N ASP A 132 4.95 5.08 -24.40
CA ASP A 132 3.64 4.70 -23.88
C ASP A 132 3.05 3.61 -24.76
N GLU A 133 3.05 2.38 -24.23
CA GLU A 133 2.59 1.21 -24.97
C GLU A 133 1.12 0.90 -24.72
N THR A 134 0.45 1.77 -23.98
CA THR A 134 -0.88 1.49 -23.46
C THR A 134 -1.94 2.37 -24.10
N PHE A 135 -1.62 3.66 -24.17
CA PHE A 135 -2.52 4.66 -24.75
C PHE A 135 -3.01 4.21 -26.13
N ARG A 136 -4.30 4.37 -26.39
CA ARG A 136 -4.80 4.26 -27.76
C ARG A 136 -5.88 5.28 -28.04
N LEU A 137 -5.70 6.03 -29.12
CA LEU A 137 -6.75 6.91 -29.62
C LEU A 137 -7.27 6.29 -30.91
N ASP A 138 -8.59 6.06 -30.94
CA ASP A 138 -9.23 5.36 -32.04
C ASP A 138 -10.20 6.22 -32.83
N ARG A 139 -10.75 7.24 -32.19
CA ARG A 139 -11.78 8.07 -32.81
C ARG A 139 -11.53 9.56 -32.61
N THR A 140 -12.30 10.37 -33.33
CA THR A 140 -12.24 11.82 -33.22
C THR A 140 -13.28 12.30 -32.20
N GLU A 141 -13.37 13.62 -32.03
CA GLU A 141 -14.45 14.20 -31.23
C GLU A 141 -15.69 14.30 -32.10
N PRO A 142 -16.88 14.04 -31.51
CA PRO A 142 -17.06 13.80 -30.08
C PRO A 142 -17.17 12.33 -29.71
N THR A 143 -17.12 11.43 -30.69
CA THR A 143 -17.37 10.03 -30.38
C THR A 143 -16.35 9.34 -29.48
N LEU A 144 -15.14 9.91 -29.37
CA LEU A 144 -14.16 9.30 -28.50
C LEU A 144 -14.57 9.35 -27.02
N ASN A 145 -15.69 10.04 -26.71
CA ASN A 145 -16.21 10.12 -25.34
C ASN A 145 -17.39 9.19 -25.02
N THR A 146 -17.68 8.22 -25.88
CA THR A 146 -18.81 7.31 -25.60
C THR A 146 -18.61 6.51 -24.30
N ALA A 147 -17.35 6.17 -24.00
CA ALA A 147 -16.99 5.63 -22.69
C ALA A 147 -17.75 4.37 -22.29
N ILE A 148 -17.98 3.50 -23.25
CA ILE A 148 -18.78 2.30 -23.01
C ILE A 148 -17.96 1.31 -22.20
N PRO A 149 -18.54 0.77 -21.11
CA PRO A 149 -17.81 -0.19 -20.31
C PRO A 149 -17.30 -1.36 -21.16
N GLY A 150 -16.02 -1.68 -20.98
CA GLY A 150 -15.41 -2.81 -21.68
C GLY A 150 -14.86 -2.50 -23.08
N ASP A 151 -15.21 -1.34 -23.61
CA ASP A 151 -14.77 -0.94 -24.95
C ASP A 151 -13.31 -0.49 -24.82
N PRO A 152 -12.41 -1.07 -25.64
CA PRO A 152 -11.00 -0.69 -25.51
C PRO A 152 -10.70 0.62 -26.22
N ARG A 153 -11.63 1.09 -27.05
CA ARG A 153 -11.29 2.29 -27.85
C ARG A 153 -11.08 3.50 -26.97
N ASP A 154 -10.05 4.28 -27.29
CA ASP A 154 -9.81 5.59 -26.65
C ASP A 154 -9.64 5.43 -25.14
N THR A 155 -8.88 4.41 -24.74
CA THR A 155 -8.60 4.15 -23.34
C THR A 155 -7.11 4.19 -23.05
N THR A 156 -6.79 4.30 -21.76
CA THR A 156 -5.48 3.98 -21.24
C THR A 156 -5.62 3.51 -19.80
N THR A 157 -4.50 3.20 -19.14
CA THR A 157 -4.55 2.87 -17.71
C THR A 157 -4.03 4.05 -16.90
N PRO A 158 -4.40 4.12 -15.61
CA PRO A 158 -3.88 5.21 -14.81
C PRO A 158 -2.33 5.19 -14.73
N ARG A 159 -1.73 4.00 -14.61
CA ARG A 159 -0.27 3.90 -14.51
C ARG A 159 0.38 4.48 -15.76
N ALA A 160 -0.10 4.07 -16.92
CA ALA A 160 0.48 4.52 -18.18
C ALA A 160 0.33 6.02 -18.38
N MET A 161 -0.82 6.58 -18.01
CA MET A 161 -1.05 8.01 -18.21
C MET A 161 -0.20 8.85 -17.26
N ALA A 162 -0.02 8.37 -16.02
CA ALA A 162 0.82 9.08 -15.07
C ALA A 162 2.28 9.11 -15.55
N GLN A 163 2.77 7.95 -16.00
CA GLN A 163 4.15 7.88 -16.48
C GLN A 163 4.34 8.84 -17.65
N THR A 164 3.39 8.83 -18.59
CA THR A 164 3.50 9.69 -19.76
C THR A 164 3.40 11.17 -19.40
N LEU A 165 2.47 11.53 -18.52
CA LEU A 165 2.36 12.92 -18.12
C LEU A 165 3.64 13.40 -17.43
N ARG A 166 4.23 12.54 -16.61
CA ARG A 166 5.55 12.86 -16.01
C ARG A 166 6.60 13.10 -17.09
N GLN A 167 6.75 12.18 -18.04
CA GLN A 167 7.76 12.33 -19.08
C GLN A 167 7.56 13.60 -19.92
N LEU A 168 6.30 13.95 -20.18
CA LEU A 168 5.98 15.12 -20.99
C LEU A 168 6.23 16.45 -20.26
N THR A 169 5.88 16.49 -18.97
CA THR A 169 5.89 17.77 -18.23
C THR A 169 7.14 17.99 -17.39
N LEU A 170 7.75 16.91 -16.91
CA LEU A 170 8.91 17.02 -16.01
C LEU A 170 10.16 16.38 -16.60
N GLY A 171 9.95 15.43 -17.50
CA GLY A 171 11.05 14.70 -18.11
C GLY A 171 11.45 15.22 -19.48
N HIS A 172 11.99 14.34 -20.31
CA HIS A 172 12.62 14.76 -21.56
C HIS A 172 11.94 14.20 -22.81
N ALA A 173 10.64 13.94 -22.72
CA ALA A 173 9.93 13.48 -23.92
C ALA A 173 9.90 14.60 -24.96
N LEU A 174 9.80 15.85 -24.49
CA LEU A 174 9.79 17.04 -25.36
C LEU A 174 11.07 17.86 -25.15
N GLY A 175 11.40 18.68 -26.12
CA GLY A 175 12.46 19.68 -25.92
C GLY A 175 12.11 20.62 -24.78
N GLU A 176 13.11 21.32 -24.23
CA GLU A 176 12.85 22.16 -23.07
C GLU A 176 11.81 23.25 -23.35
N THR A 177 11.92 23.91 -24.50
CA THR A 177 10.97 24.97 -24.85
C THR A 177 9.55 24.44 -24.91
N GLN A 178 9.41 23.24 -25.49
CA GLN A 178 8.12 22.62 -25.68
C GLN A 178 7.53 22.13 -24.36
N ARG A 179 8.37 21.53 -23.52
CA ARG A 179 7.94 21.08 -22.18
C ARG A 179 7.41 22.28 -21.38
N ALA A 180 8.14 23.39 -21.40
CA ALA A 180 7.72 24.58 -20.69
C ALA A 180 6.40 25.11 -21.27
N GLN A 181 6.26 25.12 -22.59
CA GLN A 181 4.98 25.54 -23.19
C GLN A 181 3.81 24.66 -22.72
N LEU A 182 4.03 23.35 -22.68
CA LEU A 182 2.97 22.45 -22.23
C LEU A 182 2.56 22.70 -20.77
N VAL A 183 3.56 22.91 -19.92
CA VAL A 183 3.30 23.21 -18.51
C VAL A 183 2.55 24.54 -18.36
N THR A 184 2.99 25.55 -19.11
CA THR A 184 2.30 26.84 -19.09
C THR A 184 0.83 26.66 -19.48
N TRP A 185 0.57 25.89 -20.54
CA TRP A 185 -0.81 25.65 -20.96
C TRP A 185 -1.61 24.94 -19.85
N LEU A 186 -1.08 23.86 -19.28
CA LEU A 186 -1.82 23.12 -18.25
C LEU A 186 -2.08 23.99 -17.03
N LYS A 187 -1.10 24.81 -16.65
CA LYS A 187 -1.26 25.69 -15.50
C LYS A 187 -2.32 26.74 -15.74
N GLY A 188 -2.55 27.08 -17.00
CA GLY A 188 -3.64 28.01 -17.33
C GLY A 188 -4.96 27.36 -17.68
N ASN A 189 -5.13 26.08 -17.36
CA ASN A 189 -6.43 25.44 -17.57
C ASN A 189 -7.55 26.20 -16.87
N THR A 190 -8.71 26.27 -17.52
CA THR A 190 -9.85 26.95 -16.91
C THR A 190 -10.86 26.00 -16.28
N THR A 191 -10.73 24.69 -16.54
CA THR A 191 -11.83 23.74 -16.24
C THR A 191 -11.62 22.90 -14.99
N GLY A 192 -10.57 23.15 -14.23
CA GLY A 192 -10.13 22.14 -13.26
C GLY A 192 -10.33 22.35 -11.79
N ALA A 193 -10.93 23.47 -11.39
CA ALA A 193 -10.97 23.79 -9.96
C ALA A 193 -11.85 22.86 -9.10
N ALA A 194 -12.76 22.09 -9.71
CA ALA A 194 -13.67 21.21 -8.97
C ALA A 194 -13.17 19.77 -8.91
N SER A 195 -12.07 19.49 -9.62
CA SER A 195 -11.60 18.12 -9.74
C SER A 195 -10.39 17.83 -8.83
N ILE A 196 -9.27 17.35 -9.38
CA ILE A 196 -8.12 17.02 -8.50
C ILE A 196 -7.79 18.20 -7.58
N ARG A 197 -7.76 19.40 -8.15
CA ARG A 197 -7.27 20.53 -7.41
C ARG A 197 -8.11 20.94 -6.21
N ALA A 198 -9.38 20.53 -6.22
CA ALA A 198 -10.29 20.77 -5.10
C ALA A 198 -9.92 19.96 -3.88
N GLY A 199 -9.16 18.88 -4.08
CA GLY A 199 -8.75 18.03 -2.97
C GLY A 199 -7.36 18.34 -2.44
N LEU A 200 -6.68 19.32 -3.04
CA LEU A 200 -5.32 19.68 -2.63
C LEU A 200 -5.28 20.91 -1.72
N PRO A 201 -4.26 20.99 -0.86
CA PRO A 201 -4.13 22.19 -0.05
C PRO A 201 -4.01 23.41 -0.97
N THR A 202 -4.57 24.54 -0.54
CA THR A 202 -4.69 25.70 -1.41
C THR A 202 -3.32 26.32 -1.70
N SER A 203 -2.35 26.04 -0.85
CA SER A 203 -1.01 26.57 -1.04
C SER A 203 -0.32 25.89 -2.23
N TRP A 204 -0.79 24.70 -2.59
CA TRP A 204 -0.17 23.94 -3.67
C TRP A 204 -0.59 24.53 -5.02
N THR A 205 0.27 24.40 -6.03
CA THR A 205 -0.11 24.80 -7.37
C THR A 205 -0.12 23.59 -8.30
N ALA A 206 -0.78 23.72 -9.44
CA ALA A 206 -0.94 22.59 -10.33
C ALA A 206 -1.32 23.02 -11.74
N GLY A 207 -1.10 22.13 -12.69
CA GLY A 207 -1.71 22.22 -14.01
C GLY A 207 -2.50 20.94 -14.19
N ASP A 208 -3.58 20.97 -14.95
CA ASP A 208 -4.36 19.75 -15.15
C ASP A 208 -5.16 19.80 -16.44
N LYS A 209 -5.60 18.62 -16.86
CA LYS A 209 -6.52 18.49 -17.98
C LYS A 209 -7.65 17.55 -17.57
N THR A 210 -8.87 18.09 -17.60
CA THR A 210 -10.07 17.32 -17.25
C THR A 210 -10.61 16.52 -18.44
N GLY A 211 -11.55 15.64 -18.15
CA GLY A 211 -12.28 14.95 -19.21
C GLY A 211 -13.58 14.41 -18.65
N SER A 212 -14.60 14.28 -19.49
CA SER A 212 -15.86 13.63 -19.09
C SER A 212 -16.54 13.05 -20.31
N GLY A 213 -17.48 12.14 -20.09
CA GLY A 213 -18.20 11.50 -21.18
C GLY A 213 -19.47 10.83 -20.68
N ASP A 214 -19.92 9.91 -21.60
CA ASP A 214 -21.08 9.15 -21.11
C ASP A 214 -20.63 8.20 -19.99
N TYR A 215 -21.61 7.47 -19.43
CA TYR A 215 -21.37 6.61 -18.29
C TYR A 215 -20.86 7.39 -17.07
N GLY A 216 -21.24 8.66 -17.00
CA GLY A 216 -20.83 9.52 -15.89
C GLY A 216 -19.32 9.55 -15.75
N THR A 217 -18.63 9.39 -16.88
CA THR A 217 -17.17 9.34 -16.86
C THR A 217 -16.61 10.70 -16.51
N THR A 218 -15.77 10.73 -15.48
CA THR A 218 -15.25 11.98 -14.90
C THR A 218 -13.78 11.78 -14.59
N ASN A 219 -12.91 12.51 -15.32
CA ASN A 219 -11.47 12.31 -15.28
C ASN A 219 -10.68 13.59 -15.02
N ASP A 220 -9.44 13.43 -14.58
CA ASP A 220 -8.53 14.57 -14.46
C ASP A 220 -7.12 14.00 -14.37
N ILE A 221 -6.16 14.65 -15.05
CA ILE A 221 -4.75 14.31 -14.86
C ILE A 221 -4.05 15.62 -14.54
N ALA A 222 -3.12 15.57 -13.60
CA ALA A 222 -2.49 16.78 -13.10
C ALA A 222 -1.00 16.62 -12.82
N VAL A 223 -0.27 17.72 -12.99
CA VAL A 223 1.08 17.81 -12.46
CA VAL A 223 1.08 17.83 -12.46
C VAL A 223 1.00 18.86 -11.35
N ILE A 224 1.56 18.52 -10.20
CA ILE A 224 1.32 19.29 -8.98
C ILE A 224 2.62 19.66 -8.33
N TRP A 225 2.71 20.91 -7.88
CA TRP A 225 3.85 21.40 -7.11
C TRP A 225 3.43 21.67 -5.67
N PRO A 226 3.63 20.70 -4.77
CA PRO A 226 3.30 20.92 -3.36
C PRO A 226 4.19 22.02 -2.78
N GLN A 227 3.59 22.67 -1.72
CA GLN A 227 4.40 23.54 -0.86
C GLN A 227 5.52 22.74 -0.21
N GLY A 228 6.75 22.94 -0.69
CA GLY A 228 7.91 22.33 -0.06
C GLY A 228 8.46 21.06 -0.70
N ARG A 229 7.57 20.19 -1.17
CA ARG A 229 7.96 18.88 -1.74
C ARG A 229 8.23 18.92 -3.25
N ALA A 230 8.92 17.89 -3.74
CA ALA A 230 9.10 17.71 -5.19
C ALA A 230 7.74 17.53 -5.85
N PRO A 231 7.67 17.78 -7.16
CA PRO A 231 6.37 17.68 -7.86
C PRO A 231 5.79 16.27 -7.87
N LEU A 232 4.47 16.22 -7.99
CA LEU A 232 3.74 14.96 -8.11
C LEU A 232 3.05 14.94 -9.46
N VAL A 233 2.85 13.73 -9.99
CA VAL A 233 1.94 13.54 -11.11
C VAL A 233 0.78 12.67 -10.63
N LEU A 234 -0.45 13.11 -10.90
CA LEU A 234 -1.63 12.39 -10.40
C LEU A 234 -2.72 12.21 -11.47
N VAL A 235 -3.14 10.97 -11.67
CA VAL A 235 -4.25 10.65 -12.58
C VAL A 235 -5.41 10.09 -11.76
N THR A 236 -6.59 10.65 -11.94
CA THR A 236 -7.82 10.13 -11.32
C THR A 236 -8.86 9.91 -12.41
N TYR A 237 -9.27 8.66 -12.60
CA TYR A 237 -10.24 8.31 -13.63
C TYR A 237 -11.44 7.67 -12.93
N PHE A 238 -12.66 7.97 -13.39
CA PHE A 238 -13.87 7.46 -12.72
C PHE A 238 -14.94 7.22 -13.77
N THR A 239 -15.63 6.08 -13.66
CA THR A 239 -16.65 5.78 -14.65
C THR A 239 -17.74 4.93 -13.99
N GLN A 240 -18.97 5.06 -14.47
CA GLN A 240 -20.13 4.48 -13.79
C GLN A 240 -20.92 3.54 -14.70
N PRO A 241 -21.82 2.72 -14.12
CA PRO A 241 -22.48 1.68 -14.91
C PRO A 241 -23.56 2.12 -15.90
N GLN A 242 -24.24 3.22 -15.64
CA GLN A 242 -25.35 3.66 -16.51
C GLN A 242 -24.92 4.76 -17.48
N GLN A 243 -25.36 4.65 -18.73
N GLN A 243 -25.37 4.64 -18.73
CA GLN A 243 -24.92 5.61 -19.75
CA GLN A 243 -24.99 5.58 -19.78
C GLN A 243 -25.21 7.06 -19.39
C GLN A 243 -25.22 7.04 -19.39
N ASN A 244 -26.36 7.30 -18.76
CA ASN A 244 -26.74 8.66 -18.41
C ASN A 244 -26.37 9.11 -16.99
N ALA A 245 -25.38 8.47 -16.39
CA ALA A 245 -24.94 8.83 -15.04
C ALA A 245 -24.42 10.27 -14.99
N GLU A 246 -24.59 10.91 -13.83
CA GLU A 246 -24.11 12.29 -13.68
C GLU A 246 -22.62 12.32 -13.41
N SER A 247 -21.98 13.42 -13.78
N SER A 247 -21.97 13.41 -13.80
CA SER A 247 -20.56 13.62 -13.48
CA SER A 247 -20.56 13.59 -13.49
C SER A 247 -20.31 13.67 -11.98
C SER A 247 -20.32 13.66 -11.99
N ARG A 248 -19.13 13.21 -11.57
CA ARG A 248 -18.77 13.21 -10.16
C ARG A 248 -17.37 13.77 -9.95
N ARG A 249 -17.22 15.06 -10.19
CA ARG A 249 -15.93 15.69 -9.96
C ARG A 249 -15.52 15.63 -8.50
N ASP A 250 -16.51 15.59 -7.61
CA ASP A 250 -16.24 15.53 -6.19
C ASP A 250 -15.51 14.22 -5.82
N VAL A 251 -15.79 13.14 -6.54
CA VAL A 251 -15.07 11.89 -6.31
C VAL A 251 -13.59 12.03 -6.65
N LEU A 252 -13.27 12.78 -7.70
CA LEU A 252 -11.86 13.01 -8.05
C LEU A 252 -11.19 13.89 -6.98
N ALA A 253 -11.91 14.91 -6.49
CA ALA A 253 -11.38 15.75 -5.41
C ALA A 253 -11.11 14.91 -4.17
N SER A 254 -12.01 13.99 -3.86
CA SER A 254 -11.87 13.12 -2.70
C SER A 254 -10.66 12.20 -2.82
N ALA A 255 -10.46 11.64 -4.01
CA ALA A 255 -9.32 10.78 -4.25
C ALA A 255 -8.03 11.59 -4.10
N ALA A 256 -8.02 12.79 -4.66
CA ALA A 256 -6.85 13.65 -4.55
C ALA A 256 -6.55 14.00 -3.09
N ARG A 257 -7.60 14.26 -2.31
CA ARG A 257 -7.45 14.59 -0.91
C ARG A 257 -6.82 13.42 -0.14
N ILE A 258 -7.33 12.21 -0.39
CA ILE A 258 -6.76 11.02 0.22
C ILE A 258 -5.27 10.89 -0.13
N ILE A 259 -4.92 11.10 -1.39
CA ILE A 259 -3.51 10.99 -1.81
C ILE A 259 -2.65 12.03 -1.10
N ALA A 260 -3.15 13.26 -1.01
CA ALA A 260 -2.37 14.36 -0.43
C ALA A 260 -2.15 14.16 1.06
N GLU A 261 -3.17 13.63 1.74
CA GLU A 261 -3.09 13.38 3.17
C GLU A 261 -2.23 12.15 3.49
N GLY A 262 -1.96 11.34 2.46
CA GLY A 262 -1.16 10.13 2.63
C GLY A 262 0.32 10.33 2.40
N LEU A 263 0.70 11.50 1.89
CA LEU A 263 2.10 11.81 1.67
C LEU A 263 2.80 12.09 2.99
N SER B 3 33.12 -5.58 16.62
CA SER B 3 32.32 -6.61 17.33
C SER B 3 32.45 -8.01 16.72
N ALA B 4 32.80 -8.98 17.54
CA ALA B 4 32.87 -10.37 17.11
C ALA B 4 31.48 -10.95 16.86
N VAL B 5 30.54 -10.68 17.78
CA VAL B 5 29.17 -11.15 17.63
C VAL B 5 28.52 -10.61 16.36
N GLN B 6 28.81 -9.34 16.06
CA GLN B 6 28.32 -8.69 14.84
C GLN B 6 28.81 -9.37 13.58
N GLN B 7 30.11 -9.71 13.55
CA GLN B 7 30.69 -10.38 12.40
C GLN B 7 30.04 -11.74 12.20
N LYS B 8 29.81 -12.43 13.30
CA LYS B 8 29.23 -13.77 13.23
C LYS B 8 27.77 -13.75 12.76
N LEU B 9 27.01 -12.77 13.22
CA LEU B 9 25.63 -12.66 12.78
C LEU B 9 25.52 -12.26 11.30
N ALA B 10 26.37 -11.34 10.87
CA ALA B 10 26.39 -10.97 9.47
C ALA B 10 26.79 -12.17 8.59
N ALA B 11 27.77 -12.93 9.05
CA ALA B 11 28.26 -14.10 8.33
C ALA B 11 27.14 -15.13 8.18
N LEU B 12 26.37 -15.30 9.26
CA LEU B 12 25.26 -16.26 9.23
C LEU B 12 24.22 -15.77 8.24
N GLU B 13 23.90 -14.48 8.31
CA GLU B 13 22.94 -13.92 7.38
C GLU B 13 23.38 -14.10 5.93
N LYS B 14 24.65 -13.81 5.65
CA LYS B 14 25.19 -13.94 4.29
C LYS B 14 25.00 -15.38 3.79
N SER B 15 25.30 -16.34 4.65
CA SER B 15 25.15 -17.74 4.30
C SER B 15 23.69 -18.11 4.03
N SER B 16 22.79 -17.53 4.82
CA SER B 16 21.37 -17.90 4.80
C SER B 16 20.66 -17.47 3.52
N GLY B 17 21.16 -16.40 2.91
CA GLY B 17 20.51 -15.83 1.72
C GLY B 17 19.36 -14.88 1.98
N GLY B 18 18.94 -14.76 3.24
CA GLY B 18 17.77 -13.95 3.60
C GLY B 18 18.12 -12.73 4.43
N ARG B 19 17.14 -12.25 5.19
CA ARG B 19 17.30 -11.05 6.02
C ARG B 19 17.02 -11.43 7.47
N LEU B 20 18.00 -11.20 8.33
CA LEU B 20 17.98 -11.65 9.72
C LEU B 20 17.85 -10.46 10.67
N GLY B 21 16.95 -10.57 11.64
CA GLY B 21 16.81 -9.54 12.67
C GLY B 21 16.96 -10.16 14.05
N VAL B 22 17.83 -9.58 14.88
CA VAL B 22 18.10 -10.13 16.20
C VAL B 22 18.08 -9.00 17.23
N ALA B 23 17.41 -9.24 18.36
CA ALA B 23 17.56 -8.34 19.50
C ALA B 23 17.65 -9.13 20.77
N LEU B 24 18.71 -8.92 21.51
CA LEU B 24 18.94 -9.53 22.81
C LEU B 24 18.89 -8.44 23.87
N ILE B 25 18.20 -8.72 24.96
CA ILE B 25 18.38 -7.95 26.19
C ILE B 25 18.90 -8.90 27.27
N ASP B 26 20.05 -8.58 27.84
CA ASP B 26 20.55 -9.32 28.98
C ASP B 26 20.14 -8.56 30.25
N THR B 27 19.21 -9.13 31.03
CA THR B 27 18.67 -8.41 32.19
C THR B 27 19.66 -8.33 33.35
N ALA B 28 20.80 -9.02 33.23
CA ALA B 28 21.82 -8.95 34.27
C ALA B 28 22.40 -7.54 34.33
N ASP B 29 22.56 -6.92 33.16
CA ASP B 29 23.25 -5.64 33.08
C ASP B 29 22.62 -4.69 32.06
N ASN B 30 21.49 -5.12 31.49
CA ASN B 30 20.74 -4.32 30.52
C ASN B 30 21.48 -4.10 29.21
N THR B 31 22.51 -4.90 28.95
CA THR B 31 23.21 -4.82 27.69
C THR B 31 22.37 -5.46 26.57
N GLN B 32 22.70 -5.12 25.33
CA GLN B 32 21.92 -5.55 24.16
C GLN B 32 22.82 -5.98 23.03
N VAL B 33 22.32 -6.86 22.19
CA VAL B 33 22.95 -7.16 20.91
C VAL B 33 21.85 -6.99 19.87
N LEU B 34 22.04 -6.18 18.93
CA LEU B 34 21.10 -5.80 17.88
C LEU B 34 21.69 -6.04 16.51
N TYR B 35 20.90 -6.67 15.65
CA TYR B 35 21.27 -6.87 14.26
C TYR B 35 20.00 -6.62 13.44
N ARG B 36 20.01 -5.57 12.62
CA ARG B 36 18.79 -5.08 11.98
C ARG B 36 17.70 -4.87 13.02
N GLY B 37 18.11 -4.38 14.19
CA GLY B 37 17.20 -4.24 15.32
C GLY B 37 16.06 -3.28 15.10
N ASP B 38 16.22 -2.33 14.18
CA ASP B 38 15.19 -1.32 13.92
C ASP B 38 14.51 -1.49 12.57
N GLU B 39 14.78 -2.61 11.88
CA GLU B 39 14.02 -2.92 10.67
C GLU B 39 12.72 -3.63 11.02
N ARG B 40 11.70 -3.39 10.21
CA ARG B 40 10.45 -4.12 10.35
C ARG B 40 10.50 -5.50 9.74
N PHE B 41 9.91 -6.46 10.44
CA PHE B 41 9.75 -7.84 9.98
C PHE B 41 8.31 -8.26 10.21
N PRO B 42 7.80 -9.12 9.33
CA PRO B 42 6.47 -9.70 9.59
C PRO B 42 6.54 -10.59 10.81
N MET B 43 5.65 -10.38 11.77
CA MET B 43 5.68 -11.10 13.05
C MET B 43 5.21 -12.53 12.92
N CYS B 44 4.25 -12.73 12.02
CA CYS B 44 3.57 -14.00 11.91
C CYS B 44 3.08 -14.41 13.30
N SER B 45 3.10 -15.70 13.63
CA SER B 45 2.50 -16.15 14.89
C SER B 45 3.18 -15.65 16.17
N THR B 46 4.31 -14.97 16.08
CA THR B 46 4.87 -14.36 17.29
C THR B 46 3.91 -13.30 17.84
N SER B 47 3.06 -12.77 16.97
CA SER B 47 2.03 -11.81 17.40
C SER B 47 1.03 -12.40 18.39
N LYS B 48 0.93 -13.73 18.42
CA LYS B 48 0.01 -14.40 19.33
C LYS B 48 0.31 -14.08 20.79
N VAL B 49 1.59 -13.78 21.09
CA VAL B 49 1.93 -13.37 22.44
C VAL B 49 1.24 -12.07 22.82
N MET B 50 1.23 -11.10 21.92
N MET B 50 1.24 -11.09 21.92
CA MET B 50 0.59 -9.83 22.22
CA MET B 50 0.60 -9.82 22.23
C MET B 50 -0.92 -9.93 22.38
C MET B 50 -0.92 -9.98 22.42
N ALA B 51 -1.55 -10.81 21.60
CA ALA B 51 -2.99 -11.01 21.70
C ALA B 51 -3.33 -11.71 23.01
N ALA B 52 -2.57 -12.75 23.35
CA ALA B 52 -2.84 -13.44 24.61
C ALA B 52 -2.59 -12.51 25.81
N ALA B 53 -1.50 -11.75 25.75
CA ALA B 53 -1.18 -10.81 26.82
C ALA B 53 -2.29 -9.76 26.96
N ALA B 54 -2.83 -9.31 25.83
CA ALA B 54 -3.89 -8.30 25.87
C ALA B 54 -5.14 -8.84 26.58
N VAL B 55 -5.47 -10.12 26.32
CA VAL B 55 -6.61 -10.76 26.99
C VAL B 55 -6.32 -10.95 28.49
N LEU B 56 -5.09 -11.31 28.84
CA LEU B 56 -4.69 -11.37 30.24
C LEU B 56 -4.89 -10.01 30.91
N LYS B 57 -4.47 -8.94 30.26
CA LYS B 57 -4.67 -7.59 30.83
C LYS B 57 -6.15 -7.31 31.07
N GLN B 58 -6.99 -7.66 30.10
CA GLN B 58 -8.43 -7.48 30.29
C GLN B 58 -8.95 -8.24 31.52
N SER B 59 -8.41 -9.43 31.75
CA SER B 59 -8.84 -10.27 32.88
C SER B 59 -8.43 -9.71 34.23
N GLU B 60 -7.54 -8.70 34.25
CA GLU B 60 -7.20 -8.03 35.50
C GLU B 60 -8.38 -7.27 36.09
N THR B 61 -9.30 -6.82 35.23
CA THR B 61 -10.49 -6.08 35.68
C THR B 61 -11.81 -6.81 35.42
N GLN B 62 -11.86 -7.63 34.38
CA GLN B 62 -13.01 -8.54 34.16
C GLN B 62 -12.59 -9.89 34.74
N LYS B 63 -12.80 -10.06 36.04
CA LYS B 63 -12.06 -11.07 36.81
C LYS B 63 -12.30 -12.53 36.41
N GLN B 64 -13.42 -12.81 35.78
CA GLN B 64 -13.75 -14.17 35.37
CA GLN B 64 -13.74 -14.18 35.37
C GLN B 64 -13.61 -14.35 33.85
N LEU B 65 -13.06 -13.35 33.19
CA LEU B 65 -12.99 -13.38 31.74
C LEU B 65 -12.40 -14.67 31.19
N LEU B 66 -11.33 -15.15 31.82
CA LEU B 66 -10.63 -16.33 31.29
C LEU B 66 -11.47 -17.60 31.29
N ASN B 67 -12.51 -17.60 32.12
CA ASN B 67 -13.47 -18.72 32.20
C ASN B 67 -14.62 -18.61 31.20
N GLN B 68 -14.66 -17.50 30.46
CA GLN B 68 -15.80 -17.22 29.56
C GLN B 68 -15.82 -18.22 28.40
N PRO B 69 -16.94 -18.94 28.22
CA PRO B 69 -17.00 -19.85 27.08
C PRO B 69 -17.19 -19.08 25.78
N VAL B 70 -16.48 -19.51 24.74
CA VAL B 70 -16.58 -18.90 23.43
C VAL B 70 -17.00 -19.99 22.43
N GLU B 71 -18.03 -19.71 21.65
CA GLU B 71 -18.50 -20.67 20.65
C GLU B 71 -17.50 -20.87 19.52
N ILE B 72 -17.24 -22.13 19.19
CA ILE B 72 -16.44 -22.47 18.02
C ILE B 72 -17.38 -23.07 17.00
N LYS B 73 -17.56 -22.38 15.87
CA LYS B 73 -18.46 -22.88 14.85
C LYS B 73 -17.66 -23.45 13.69
N PRO B 74 -18.29 -24.34 12.90
CA PRO B 74 -17.50 -24.92 11.81
C PRO B 74 -16.94 -23.87 10.88
N ALA B 75 -17.66 -22.76 10.69
CA ALA B 75 -17.21 -21.73 9.76
C ALA B 75 -16.05 -20.90 10.32
N ASP B 76 -15.77 -21.05 11.62
CA ASP B 76 -14.69 -20.34 12.29
C ASP B 76 -13.33 -20.95 11.97
N LEU B 77 -13.31 -22.23 11.64
CA LEU B 77 -12.05 -22.92 11.43
C LEU B 77 -11.29 -22.30 10.26
N VAL B 78 -10.00 -22.02 10.47
CA VAL B 78 -9.16 -21.56 9.38
C VAL B 78 -8.19 -22.66 8.93
N ASN B 79 -6.91 -22.35 8.77
CA ASN B 79 -5.99 -23.26 8.11
C ASN B 79 -5.09 -24.12 9.01
N TYR B 80 -5.18 -23.91 10.32
CA TYR B 80 -4.36 -24.68 11.26
C TYR B 80 -5.04 -24.61 12.62
N ASN B 81 -5.76 -25.69 12.97
CA ASN B 81 -6.69 -25.67 14.09
C ASN B 81 -6.52 -26.92 14.96
N PRO B 82 -5.29 -27.20 15.41
CA PRO B 82 -5.03 -28.48 16.11
C PRO B 82 -5.86 -28.68 17.37
N ILE B 83 -6.17 -27.59 18.07
CA ILE B 83 -7.02 -27.67 19.26
C ILE B 83 -8.48 -27.37 18.93
N ALA B 84 -8.72 -26.26 18.23
CA ALA B 84 -10.09 -25.80 18.01
C ALA B 84 -10.98 -26.79 17.26
N GLU B 85 -10.38 -27.57 16.36
CA GLU B 85 -11.18 -28.52 15.56
C GLU B 85 -11.90 -29.55 16.43
N LYS B 86 -11.32 -29.84 17.61
N LYS B 86 -11.34 -29.79 17.62
CA LYS B 86 -11.94 -30.79 18.53
CA LYS B 86 -11.90 -30.78 18.52
C LYS B 86 -13.24 -30.24 19.10
C LYS B 86 -13.12 -30.22 19.26
N HIS B 87 -13.32 -28.91 19.12
CA HIS B 87 -14.37 -28.23 19.86
C HIS B 87 -15.44 -27.57 19.00
N VAL B 88 -15.37 -27.78 17.70
N VAL B 88 -15.42 -27.89 17.71
CA VAL B 88 -16.39 -27.23 16.83
CA VAL B 88 -16.41 -27.39 16.76
C VAL B 88 -17.77 -27.65 17.30
C VAL B 88 -17.84 -27.75 17.18
N ASN B 89 -18.73 -26.77 17.11
CA ASN B 89 -20.11 -26.95 17.59
C ASN B 89 -20.18 -27.06 19.12
N GLY B 90 -19.11 -26.61 19.76
CA GLY B 90 -19.04 -26.49 21.21
C GLY B 90 -18.39 -25.18 21.60
N THR B 91 -17.73 -25.18 22.74
CA THR B 91 -17.09 -23.98 23.26
C THR B 91 -15.71 -24.28 23.81
N MET B 92 -14.91 -23.23 23.87
CA MET B 92 -13.62 -23.22 24.57
C MET B 92 -13.61 -21.94 25.40
N THR B 93 -12.99 -21.99 26.58
CA THR B 93 -12.82 -20.76 27.37
C THR B 93 -11.69 -19.88 26.82
N LEU B 94 -11.67 -18.62 27.22
CA LEU B 94 -10.60 -17.75 26.77
C LEU B 94 -9.23 -18.21 27.26
N ALA B 95 -9.17 -18.86 28.42
CA ALA B 95 -7.90 -19.45 28.89
C ALA B 95 -7.45 -20.55 27.94
N GLU B 96 -8.39 -21.43 27.59
CA GLU B 96 -8.11 -22.53 26.69
C GLU B 96 -7.70 -22.04 25.31
N LEU B 97 -8.35 -20.97 24.85
CA LEU B 97 -8.00 -20.36 23.57
C LEU B 97 -6.60 -19.75 23.63
N SER B 98 -6.28 -19.13 24.76
CA SER B 98 -4.95 -18.51 24.94
C SER B 98 -3.87 -19.59 24.91
N ALA B 99 -4.06 -20.67 25.67
CA ALA B 99 -3.10 -21.78 25.68
C ALA B 99 -2.96 -22.43 24.30
N ALA B 100 -4.08 -22.59 23.61
CA ALA B 100 -4.05 -23.18 22.27
C ALA B 100 -3.27 -22.30 21.31
N ALA B 101 -3.54 -21.00 21.34
CA ALA B 101 -2.82 -20.06 20.48
C ALA B 101 -1.33 -20.05 20.79
N LEU B 102 -0.98 -20.03 22.07
CA LEU B 102 0.44 -19.90 22.45
C LEU B 102 1.20 -21.20 22.31
N GLN B 103 0.64 -22.29 22.81
CA GLN B 103 1.39 -23.52 22.93
C GLN B 103 1.31 -24.42 21.71
N TYR B 104 0.23 -24.30 20.95
CA TYR B 104 0.03 -25.11 19.76
C TYR B 104 0.01 -24.26 18.49
N SER B 105 -0.03 -22.94 18.65
CA SER B 105 -0.06 -22.02 17.51
C SER B 105 -1.32 -22.19 16.67
N ASP B 106 -2.44 -22.41 17.37
CA ASP B 106 -3.73 -22.61 16.71
C ASP B 106 -4.25 -21.28 16.17
N ASN B 107 -4.48 -21.22 14.85
CA ASN B 107 -4.98 -20.01 14.19
C ASN B 107 -6.43 -19.64 14.50
N THR B 108 -7.28 -20.64 14.68
CA THR B 108 -8.65 -20.34 15.07
C THR B 108 -8.67 -19.72 16.47
N ALA B 109 -7.80 -20.22 17.34
CA ALA B 109 -7.74 -19.69 18.70
C ALA B 109 -7.25 -18.26 18.69
N MET B 110 -6.23 -17.97 17.89
CA MET B 110 -5.77 -16.59 17.75
C MET B 110 -6.89 -15.66 17.26
N ASN B 111 -7.69 -16.13 16.30
CA ASN B 111 -8.82 -15.31 15.83
C ASN B 111 -9.84 -15.01 16.91
N LYS B 112 -10.05 -15.95 17.81
CA LYS B 112 -10.98 -15.70 18.91
C LYS B 112 -10.40 -14.67 19.88
N LEU B 113 -9.09 -14.70 20.08
CA LEU B 113 -8.46 -13.70 20.95
C LEU B 113 -8.60 -12.31 20.31
N ILE B 114 -8.27 -12.23 19.01
CA ILE B 114 -8.42 -10.98 18.28
C ILE B 114 -9.85 -10.44 18.37
N ALA B 115 -10.85 -11.31 18.19
CA ALA B 115 -12.24 -10.87 18.24
C ALA B 115 -12.56 -10.35 19.63
N GLN B 116 -12.08 -11.04 20.67
CA GLN B 116 -12.35 -10.62 22.05
C GLN B 116 -11.85 -9.21 22.29
N LEU B 117 -10.78 -8.84 21.59
CA LEU B 117 -10.11 -7.54 21.76
C LEU B 117 -10.73 -6.47 20.84
N GLY B 118 -11.75 -6.85 20.08
CA GLY B 118 -12.41 -5.93 19.14
C GLY B 118 -11.71 -5.78 17.79
N GLY B 119 -10.86 -6.74 17.45
CA GLY B 119 -10.18 -6.71 16.16
C GLY B 119 -8.68 -6.46 16.28
N PRO B 120 -7.95 -6.55 15.17
CA PRO B 120 -6.49 -6.37 15.24
C PRO B 120 -6.08 -5.06 15.91
N GLY B 121 -6.90 -4.02 15.73
CA GLY B 121 -6.63 -2.73 16.36
C GLY B 121 -6.62 -2.79 17.87
N GLY B 122 -7.43 -3.69 18.44
CA GLY B 122 -7.42 -3.88 19.89
C GLY B 122 -6.13 -4.46 20.43
N VAL B 123 -5.47 -5.29 19.62
CA VAL B 123 -4.19 -5.85 19.99
C VAL B 123 -3.14 -4.74 19.96
N THR B 124 -3.19 -3.92 18.90
CA THR B 124 -2.32 -2.76 18.80
C THR B 124 -2.52 -1.77 19.95
N ALA B 125 -3.77 -1.58 20.34
CA ALA B 125 -4.08 -0.67 21.43
C ALA B 125 -3.39 -1.11 22.72
N PHE B 126 -3.34 -2.42 22.95
CA PHE B 126 -2.67 -2.93 24.14
C PHE B 126 -1.18 -2.63 24.04
N ALA B 127 -0.60 -2.87 22.87
CA ALA B 127 0.81 -2.57 22.67
C ALA B 127 1.09 -1.11 23.05
N ARG B 128 0.28 -0.20 22.54
CA ARG B 128 0.46 1.23 22.84
C ARG B 128 0.35 1.51 24.33
N ALA B 129 -0.59 0.83 24.99
CA ALA B 129 -0.81 1.03 26.42
C ALA B 129 0.42 0.69 27.25
N ILE B 130 1.22 -0.27 26.79
CA ILE B 130 2.44 -0.65 27.52
C ILE B 130 3.70 0.01 26.95
N GLY B 131 3.51 1.00 26.08
CA GLY B 131 4.61 1.82 25.59
C GLY B 131 5.29 1.30 24.34
N ASP B 132 4.67 0.34 23.67
CA ASP B 132 5.22 -0.17 22.41
C ASP B 132 4.57 0.61 21.27
N GLU B 133 5.30 1.58 20.72
CA GLU B 133 4.78 2.43 19.66
C GLU B 133 5.08 1.87 18.27
N THR B 134 5.67 0.68 18.21
CA THR B 134 6.18 0.12 16.96
C THR B 134 5.31 -1.01 16.43
N PHE B 135 4.91 -1.91 17.32
CA PHE B 135 4.04 -3.04 16.99
C PHE B 135 2.77 -2.59 16.25
N ARG B 136 2.38 -3.34 15.23
CA ARG B 136 1.05 -3.14 14.64
C ARG B 136 0.46 -4.46 14.17
N LEU B 137 -0.78 -4.73 14.59
CA LEU B 137 -1.53 -5.84 14.03
C LEU B 137 -2.63 -5.26 13.17
N ASP B 138 -2.71 -5.75 11.93
CA ASP B 138 -3.61 -5.20 10.93
C ASP B 138 -4.67 -6.19 10.46
N ARG B 139 -4.29 -7.48 10.44
CA ARG B 139 -5.17 -8.52 9.92
C ARG B 139 -5.34 -9.69 10.86
N THR B 140 -6.33 -10.52 10.53
CA THR B 140 -6.58 -11.74 11.27
C THR B 140 -5.82 -12.92 10.65
N GLU B 141 -5.98 -14.11 11.23
CA GLU B 141 -5.45 -15.32 10.62
C GLU B 141 -6.38 -15.78 9.50
N PRO B 142 -5.81 -16.29 8.39
CA PRO B 142 -4.39 -16.56 8.19
C PRO B 142 -3.62 -15.46 7.44
N THR B 143 -4.32 -14.42 6.96
CA THR B 143 -3.64 -13.43 6.11
C THR B 143 -2.56 -12.58 6.76
N LEU B 144 -2.49 -12.58 8.09
CA LEU B 144 -1.47 -11.79 8.76
C LEU B 144 -0.07 -12.38 8.52
N ASN B 145 -0.02 -13.54 7.86
CA ASN B 145 1.25 -14.24 7.59
C ASN B 145 1.76 -14.12 6.14
N THR B 146 1.17 -13.22 5.35
CA THR B 146 1.60 -13.10 3.96
C THR B 146 3.08 -12.68 3.83
N ALA B 147 3.57 -11.89 4.78
CA ALA B 147 4.99 -11.54 4.87
C ALA B 147 5.56 -10.96 3.56
N ILE B 148 4.78 -10.11 2.89
CA ILE B 148 5.23 -9.50 1.65
C ILE B 148 6.33 -8.49 1.93
N PRO B 149 7.46 -8.60 1.22
CA PRO B 149 8.57 -7.68 1.40
C PRO B 149 8.10 -6.23 1.23
N GLY B 150 8.42 -5.37 2.21
CA GLY B 150 8.08 -3.95 2.14
C GLY B 150 6.75 -3.59 2.76
N ASP B 151 5.92 -4.61 3.00
CA ASP B 151 4.58 -4.43 3.58
C ASP B 151 4.66 -4.20 5.09
N PRO B 152 4.18 -3.04 5.57
CA PRO B 152 4.30 -2.77 7.00
C PRO B 152 3.21 -3.44 7.85
N ARG B 153 2.20 -4.03 7.21
CA ARG B 153 1.14 -4.66 7.98
C ARG B 153 1.69 -5.80 8.85
N ASP B 154 1.21 -5.87 10.08
CA ASP B 154 1.50 -7.02 10.95
C ASP B 154 2.99 -7.20 11.16
N THR B 155 3.68 -6.08 11.37
CA THR B 155 5.12 -6.08 11.60
C THR B 155 5.48 -5.44 12.94
N THR B 156 6.70 -5.70 13.36
CA THR B 156 7.37 -4.92 14.41
C THR B 156 8.87 -4.99 14.17
N THR B 157 9.65 -4.34 15.02
CA THR B 157 11.11 -4.44 14.94
C THR B 157 11.63 -5.36 16.04
N PRO B 158 12.81 -5.97 15.81
CA PRO B 158 13.35 -6.82 16.86
C PRO B 158 13.56 -6.05 18.18
N ARG B 159 14.09 -4.83 18.08
CA ARG B 159 14.29 -4.01 19.27
C ARG B 159 12.99 -3.81 20.05
N ALA B 160 11.92 -3.40 19.36
CA ALA B 160 10.64 -3.17 20.04
C ALA B 160 10.07 -4.44 20.66
N MET B 161 10.16 -5.55 19.94
CA MET B 161 9.57 -6.78 20.44
CA MET B 161 9.57 -6.79 20.44
C MET B 161 10.33 -7.34 21.64
N ALA B 162 11.65 -7.21 21.63
CA ALA B 162 12.42 -7.67 22.80
C ALA B 162 12.05 -6.85 24.05
N GLN B 163 11.96 -5.53 23.90
CA GLN B 163 11.60 -4.67 25.03
C GLN B 163 10.21 -5.02 25.56
N THR B 164 9.26 -5.18 24.64
CA THR B 164 7.90 -5.56 25.04
C THR B 164 7.86 -6.94 25.72
N LEU B 165 8.56 -7.91 25.15
CA LEU B 165 8.56 -9.24 25.75
C LEU B 165 9.18 -9.19 27.15
N ARG B 166 10.21 -8.38 27.34
CA ARG B 166 10.77 -8.20 28.67
C ARG B 166 9.71 -7.63 29.61
N GLN B 167 9.05 -6.57 29.17
N GLN B 167 9.05 -6.57 29.21
CA GLN B 167 8.00 -5.93 29.98
CA GLN B 167 8.03 -5.99 30.10
C GLN B 167 6.88 -6.89 30.37
C GLN B 167 6.93 -6.98 30.42
N LEU B 168 6.52 -7.77 29.43
CA LEU B 168 5.45 -8.73 29.61
C LEU B 168 5.79 -9.88 30.56
N THR B 169 6.99 -10.42 30.40
CA THR B 169 7.34 -11.66 31.10
C THR B 169 8.19 -11.45 32.36
N LEU B 170 8.93 -10.34 32.43
CA LEU B 170 9.82 -10.09 33.57
C LEU B 170 9.50 -8.79 34.28
N GLY B 171 8.80 -7.89 33.60
CA GLY B 171 8.44 -6.60 34.18
C GLY B 171 6.99 -6.55 34.57
N HIS B 172 6.39 -5.36 34.44
CA HIS B 172 5.10 -5.08 35.02
C HIS B 172 4.04 -4.61 34.04
N ALA B 173 4.14 -5.08 32.81
CA ALA B 173 3.08 -4.78 31.85
C ALA B 173 1.78 -5.43 32.31
N LEU B 174 1.90 -6.59 32.97
CA LEU B 174 0.75 -7.35 33.47
C LEU B 174 0.84 -7.43 34.99
N GLY B 175 -0.30 -7.68 35.65
CA GLY B 175 -0.29 -7.97 37.09
C GLY B 175 0.44 -9.27 37.35
N GLU B 176 0.89 -9.49 38.58
CA GLU B 176 1.76 -10.64 38.87
C GLU B 176 1.18 -12.00 38.44
N THR B 177 -0.07 -12.27 38.79
CA THR B 177 -0.72 -13.53 38.42
CA THR B 177 -0.63 -13.56 38.43
C THR B 177 -0.72 -13.72 36.91
N GLN B 178 -1.02 -12.62 36.20
CA GLN B 178 -1.11 -12.66 34.75
C GLN B 178 0.27 -12.84 34.11
N ARG B 179 1.27 -12.14 34.63
CA ARG B 179 2.65 -12.34 34.17
C ARG B 179 3.03 -13.80 34.35
N ALA B 180 2.75 -14.35 35.54
CA ALA B 180 3.13 -15.74 35.81
C ALA B 180 2.41 -16.69 34.86
N GLN B 181 1.15 -16.38 34.57
CA GLN B 181 0.39 -17.21 33.64
C GLN B 181 0.97 -17.20 32.22
N LEU B 182 1.35 -16.01 31.76
CA LEU B 182 1.98 -15.89 30.45
C LEU B 182 3.29 -16.69 30.38
N VAL B 183 4.08 -16.59 31.43
CA VAL B 183 5.35 -17.30 31.46
C VAL B 183 5.12 -18.81 31.50
N THR B 184 4.16 -19.24 32.30
CA THR B 184 3.79 -20.66 32.32
C THR B 184 3.40 -21.16 30.93
N TRP B 185 2.58 -20.37 30.23
CA TRP B 185 2.18 -20.76 28.88
C TRP B 185 3.37 -20.88 27.93
N LEU B 186 4.23 -19.85 27.94
CA LEU B 186 5.38 -19.85 27.05
C LEU B 186 6.31 -21.03 27.33
N LYS B 187 6.54 -21.33 28.60
CA LYS B 187 7.44 -22.43 28.96
C LYS B 187 6.86 -23.78 28.54
N GLY B 188 5.55 -23.83 28.39
CA GLY B 188 4.89 -25.05 27.92
C GLY B 188 4.70 -25.13 26.41
N ASN B 189 5.33 -24.23 25.67
CA ASN B 189 5.20 -24.26 24.22
C ASN B 189 5.59 -25.62 23.67
N THR B 190 4.87 -26.09 22.66
CA THR B 190 5.20 -27.37 22.02
C THR B 190 6.02 -27.22 20.75
N THR B 191 6.13 -26.01 20.21
CA THR B 191 6.62 -25.83 18.84
C THR B 191 8.07 -25.33 18.71
N GLY B 192 8.78 -25.19 19.83
CA GLY B 192 9.99 -24.38 19.82
C GLY B 192 11.34 -25.07 19.80
N ALA B 193 11.37 -26.40 19.87
CA ALA B 193 12.64 -27.11 20.10
C ALA B 193 13.67 -26.96 18.99
N ALA B 194 13.23 -26.61 17.78
CA ALA B 194 14.12 -26.49 16.63
C ALA B 194 14.63 -25.07 16.39
N SER B 195 14.08 -24.12 17.15
CA SER B 195 14.34 -22.70 16.87
C SER B 195 15.34 -22.12 17.86
N ILE B 196 15.04 -21.00 18.53
CA ILE B 196 16.03 -20.41 19.43
C ILE B 196 16.60 -21.46 20.39
N ARG B 197 15.71 -22.26 20.96
CA ARG B 197 16.15 -23.19 21.99
C ARG B 197 17.14 -24.26 21.53
N ALA B 198 17.15 -24.56 20.24
CA ALA B 198 18.13 -25.54 19.73
C ALA B 198 19.54 -25.00 19.78
N GLY B 199 19.67 -23.68 19.90
CA GLY B 199 20.98 -23.05 19.96
C GLY B 199 21.48 -22.78 21.38
N LEU B 200 20.72 -23.17 22.38
CA LEU B 200 21.10 -22.86 23.77
C LEU B 200 21.61 -24.11 24.47
N PRO B 201 22.48 -23.94 25.48
CA PRO B 201 22.86 -25.08 26.32
C PRO B 201 21.61 -25.74 26.90
N THR B 202 21.61 -27.07 26.97
N THR B 202 21.63 -27.07 27.00
CA THR B 202 20.44 -27.78 27.44
CA THR B 202 20.44 -27.80 27.44
C THR B 202 20.06 -27.42 28.88
C THR B 202 20.10 -27.60 28.91
N SER B 203 21.05 -27.08 29.70
CA SER B 203 20.79 -26.79 31.10
C SER B 203 19.91 -25.58 31.31
N TRP B 204 19.88 -24.68 30.32
CA TRP B 204 19.06 -23.48 30.39
C TRP B 204 17.56 -23.79 30.26
N THR B 205 16.75 -22.90 30.80
N THR B 205 16.71 -22.97 30.85
CA THR B 205 15.30 -23.03 30.72
CA THR B 205 15.28 -23.13 30.65
C THR B 205 14.82 -21.91 29.80
C THR B 205 14.77 -21.91 29.89
N ALA B 206 13.70 -22.10 29.13
CA ALA B 206 13.17 -21.05 28.27
C ALA B 206 11.67 -21.23 28.02
N GLY B 207 11.05 -20.12 27.61
CA GLY B 207 9.72 -20.17 27.03
C GLY B 207 9.80 -19.39 25.73
N ASP B 208 9.04 -19.80 24.72
CA ASP B 208 9.14 -19.13 23.45
C ASP B 208 7.83 -19.20 22.67
N LYS B 209 7.73 -18.37 21.64
CA LYS B 209 6.65 -18.42 20.68
C LYS B 209 7.20 -18.32 19.27
N THR B 210 6.98 -19.35 18.48
CA THR B 210 7.43 -19.39 17.10
C THR B 210 6.48 -18.69 16.15
N GLY B 211 6.96 -18.40 14.95
CA GLY B 211 6.07 -17.96 13.88
C GLY B 211 6.65 -18.30 12.52
N SER B 212 5.80 -18.44 11.52
CA SER B 212 6.28 -18.63 10.15
C SER B 212 5.22 -18.18 9.15
N GLY B 213 5.64 -17.94 7.92
CA GLY B 213 4.72 -17.48 6.89
C GLY B 213 5.34 -17.64 5.51
N ASP B 214 4.71 -16.90 4.49
CA ASP B 214 5.30 -16.94 3.15
C ASP B 214 6.68 -16.25 3.17
N TYR B 215 7.36 -16.26 2.02
CA TYR B 215 8.74 -15.74 1.93
C TYR B 215 9.66 -16.43 2.93
N GLY B 216 9.36 -17.69 3.22
CA GLY B 216 10.23 -18.48 4.08
C GLY B 216 10.41 -17.82 5.44
N THR B 217 9.42 -17.03 5.86
CA THR B 217 9.55 -16.29 7.11
C THR B 217 9.56 -17.26 8.28
N THR B 218 10.56 -17.14 9.12
CA THR B 218 10.75 -18.08 10.22
C THR B 218 11.19 -17.26 11.42
N ASN B 219 10.39 -17.27 12.48
CA ASN B 219 10.56 -16.38 13.62
C ASN B 219 10.51 -17.13 14.94
N ASP B 220 11.04 -16.50 15.99
CA ASP B 220 10.90 -17.03 17.34
C ASP B 220 11.21 -15.92 18.33
N ILE B 221 10.45 -15.83 19.41
CA ILE B 221 10.77 -14.87 20.47
C ILE B 221 10.78 -15.66 21.78
N ALA B 222 11.74 -15.36 22.64
CA ALA B 222 11.97 -16.20 23.82
C ALA B 222 12.36 -15.41 25.05
N VAL B 223 11.97 -15.93 26.21
CA VAL B 223 12.52 -15.49 27.48
C VAL B 223 13.30 -16.69 28.03
N ILE B 224 14.51 -16.43 28.48
CA ILE B 224 15.50 -17.48 28.74
C ILE B 224 16.08 -17.31 30.13
N TRP B 225 16.15 -18.41 30.88
CA TRP B 225 16.85 -18.43 32.16
C TRP B 225 18.12 -19.28 32.06
N PRO B 226 19.28 -18.64 31.80
CA PRO B 226 20.50 -19.42 31.77
C PRO B 226 20.79 -19.95 33.16
N GLN B 227 21.68 -21.04 33.11
CA GLN B 227 21.82 -21.56 34.46
C GLN B 227 22.70 -20.64 35.32
N GLY B 228 22.19 -20.26 36.49
CA GLY B 228 22.95 -19.46 37.44
C GLY B 228 23.00 -17.96 37.18
N ARG B 229 22.37 -17.51 36.10
CA ARG B 229 22.44 -16.11 35.70
C ARG B 229 21.06 -15.47 35.49
N ALA B 230 21.05 -14.15 35.41
CA ALA B 230 19.81 -13.40 35.17
C ALA B 230 19.22 -13.71 33.80
N PRO B 231 17.88 -13.62 33.67
CA PRO B 231 17.24 -13.98 32.42
C PRO B 231 17.61 -13.10 31.22
N LEU B 232 17.45 -13.68 30.03
CA LEU B 232 17.63 -12.97 28.77
C LEU B 232 16.28 -12.90 28.07
N VAL B 233 16.15 -11.93 27.17
CA VAL B 233 15.04 -11.92 26.22
C VAL B 233 15.69 -11.89 24.85
N LEU B 234 15.24 -12.75 23.95
CA LEU B 234 15.87 -12.84 22.63
C LEU B 234 14.82 -12.94 21.54
N VAL B 235 14.92 -12.08 20.53
CA VAL B 235 14.05 -12.10 19.37
C VAL B 235 14.90 -12.42 18.14
N THR B 236 14.46 -13.41 17.37
CA THR B 236 15.11 -13.75 16.12
C THR B 236 14.07 -13.85 15.01
N TYR B 237 14.14 -12.90 14.07
CA TYR B 237 13.24 -12.85 12.94
C TYR B 237 14.05 -13.12 11.66
N PHE B 238 13.42 -13.79 10.70
CA PHE B 238 14.11 -14.15 9.48
C PHE B 238 13.13 -14.23 8.33
N THR B 239 13.51 -13.67 7.18
CA THR B 239 12.64 -13.72 6.02
C THR B 239 13.48 -13.73 4.74
N GLN B 240 12.93 -14.25 3.65
CA GLN B 240 13.73 -14.60 2.48
C GLN B 240 13.17 -13.98 1.19
N PRO B 241 13.94 -14.01 0.11
CA PRO B 241 13.55 -13.34 -1.13
C PRO B 241 12.40 -13.99 -1.89
N GLN B 242 12.35 -15.32 -1.89
N GLN B 242 12.35 -15.32 -1.89
CA GLN B 242 11.34 -16.05 -2.67
CA GLN B 242 11.34 -16.04 -2.68
C GLN B 242 10.07 -16.33 -1.87
C GLN B 242 10.07 -16.34 -1.88
N GLN B 243 8.92 -16.04 -2.47
CA GLN B 243 7.64 -16.27 -1.81
C GLN B 243 7.48 -17.70 -1.28
N ASN B 244 7.97 -18.68 -2.04
CA ASN B 244 7.81 -20.09 -1.71
C ASN B 244 9.03 -20.67 -0.98
N ALA B 245 9.88 -19.80 -0.44
CA ALA B 245 11.06 -20.27 0.29
C ALA B 245 10.70 -21.24 1.42
N GLU B 246 11.60 -22.19 1.68
CA GLU B 246 11.45 -23.14 2.77
C GLU B 246 11.71 -22.46 4.11
N SER B 247 11.10 -22.97 5.17
N SER B 247 11.11 -22.98 5.17
CA SER B 247 11.40 -22.51 6.51
CA SER B 247 11.38 -22.52 6.53
C SER B 247 12.86 -22.78 6.86
C SER B 247 12.82 -22.82 6.92
N ARG B 248 13.40 -21.95 7.75
CA ARG B 248 14.81 -22.06 8.15
C ARG B 248 14.95 -21.89 9.66
N ARG B 249 14.38 -22.81 10.41
CA ARG B 249 14.49 -22.75 11.86
C ARG B 249 15.95 -22.89 12.31
N ASP B 250 16.75 -23.61 11.52
CA ASP B 250 18.19 -23.73 11.82
C ASP B 250 18.88 -22.37 11.93
N VAL B 251 18.42 -21.40 11.15
CA VAL B 251 19.04 -20.09 11.16
C VAL B 251 18.81 -19.42 12.51
N LEU B 252 17.61 -19.61 13.05
CA LEU B 252 17.28 -19.05 14.36
C LEU B 252 18.13 -19.73 15.43
N ALA B 253 18.27 -21.05 15.32
CA ALA B 253 19.09 -21.81 16.26
C ALA B 253 20.54 -21.32 16.20
N SER B 254 21.05 -21.11 15.00
CA SER B 254 22.43 -20.65 14.79
C SER B 254 22.62 -19.25 15.39
N ALA B 255 21.63 -18.39 15.21
CA ALA B 255 21.68 -17.04 15.78
C ALA B 255 21.72 -17.09 17.30
N ALA B 256 20.90 -17.96 17.88
CA ALA B 256 20.86 -18.08 19.34
C ALA B 256 22.18 -18.62 19.87
N ARG B 257 22.75 -19.58 19.15
CA ARG B 257 24.03 -20.17 19.54
C ARG B 257 25.16 -19.13 19.56
N ILE B 258 25.17 -18.27 18.54
CA ILE B 258 26.10 -17.16 18.52
C ILE B 258 25.93 -16.25 19.74
N ILE B 259 24.68 -15.93 20.06
CA ILE B 259 24.34 -15.11 21.22
C ILE B 259 24.80 -15.75 22.53
N ALA B 260 24.52 -17.05 22.69
CA ALA B 260 24.84 -17.75 23.91
C ALA B 260 26.36 -17.85 24.11
N GLU B 261 27.08 -18.09 23.02
CA GLU B 261 28.53 -18.26 23.10
C GLU B 261 29.25 -16.93 23.24
N GLY B 262 28.54 -15.84 22.96
CA GLY B 262 29.12 -14.50 23.05
C GLY B 262 28.91 -13.86 24.42
N LEU B 263 28.11 -14.52 25.26
CA LEU B 263 27.87 -14.04 26.62
C LEU B 263 29.05 -14.35 27.51
#